data_8JW3
#
_entry.id   8JW3
#
_cell.length_a   113.442
_cell.length_b   46.763
_cell.length_c   69.210
_cell.angle_alpha   90.000
_cell.angle_beta   116.341
_cell.angle_gamma   90.000
#
_symmetry.space_group_name_H-M   'C 1 2 1'
#
loop_
_entity.id
_entity.type
_entity.pdbx_description
1 polymer 'Terpenoid synthase'
2 non-polymer 'SULFATE ION'
3 water water
#
_entity_poly.entity_id   1
_entity_poly.type   'polypeptide(L)'
_entity_poly.pdbx_seq_one_letter_code
;MGSSHHHHHHSSGLVPRGSHMASMTGGQQMGRGSENLYFQGMEKFYNQFQSYPLSLHPNTSLFNTKTKNLAQKYGLRYPS
DLSNLTGYVYPYLSPSALQVSNNWHAFLWFLDDKIDDPDCPKVEKEIILNHIIEYLSNKCKASHPITQFLDDEEMWLQYK
ESKCRFECERQAILMIQKGMIPKWDKEDYTVHEYEKIRFYDSGCETVWPLMFLDDGILPQYGVYTKFGNTIVCRVNDLYS
YAKDVYRDKSNYNYFVYYMQENNCHLDEVINIVTEEVKNKWHMLKNANNNTAERVNYWCLGNLVWHHASERYKVDLSKL
;
_entity_poly.pdbx_strand_id   A
#
loop_
_chem_comp.id
_chem_comp.type
_chem_comp.name
_chem_comp.formula
SO4 non-polymer 'SULFATE ION' 'O4 S -2'
#
# COMPACT_ATOMS: atom_id res chain seq x y z
N TYR A 38 -17.65 -8.41 14.49
CA TYR A 38 -16.78 -7.64 13.61
C TYR A 38 -16.76 -6.18 14.01
N PHE A 39 -17.97 -5.58 14.06
CA PHE A 39 -18.08 -4.15 14.37
C PHE A 39 -17.49 -3.82 15.74
N GLN A 40 -17.79 -4.65 16.74
CA GLN A 40 -17.23 -4.41 18.08
C GLN A 40 -15.73 -4.71 18.12
N GLY A 41 -15.28 -5.71 17.34
CA GLY A 41 -13.86 -5.97 17.27
C GLY A 41 -13.10 -4.82 16.65
N MET A 42 -13.66 -4.22 15.61
CA MET A 42 -13.01 -3.08 14.97
C MET A 42 -12.98 -1.86 15.90
N GLU A 43 -14.10 -1.62 16.60
CA GLU A 43 -14.15 -0.51 17.54
C GLU A 43 -13.07 -0.66 18.61
N LYS A 44 -12.95 -1.86 19.19
CA LYS A 44 -11.94 -2.09 20.21
C LYS A 44 -10.53 -1.95 19.65
N PHE A 45 -10.31 -2.43 18.42
CA PHE A 45 -8.99 -2.32 17.81
C PHE A 45 -8.61 -0.87 17.59
N TYR A 46 -9.50 -0.09 16.97
CA TYR A 46 -9.15 1.28 16.63
C TYR A 46 -8.91 2.10 17.88
N ASN A 47 -9.69 1.85 18.93
CA ASN A 47 -9.53 2.60 20.17
C ASN A 47 -8.18 2.30 20.82
N GLN A 48 -7.72 1.05 20.73
CA GLN A 48 -6.41 0.70 21.28
C GLN A 48 -5.27 1.45 20.61
N PHE A 49 -5.31 1.59 19.27
CA PHE A 49 -4.13 1.98 18.52
C PHE A 49 -4.16 3.38 17.93
N GLN A 50 -5.32 4.04 17.90
CA GLN A 50 -5.38 5.37 17.29
C GLN A 50 -4.60 6.36 18.14
N SER A 51 -3.43 6.76 17.65
CA SER A 51 -2.60 7.75 18.32
C SER A 51 -1.96 8.66 17.28
N TYR A 52 -2.76 9.10 16.30
CA TYR A 52 -2.34 10.05 15.27
C TYR A 52 -2.43 11.46 15.82
N PRO A 53 -1.30 12.10 16.07
CA PRO A 53 -1.31 13.42 16.72
C PRO A 53 -1.50 14.59 15.78
N LEU A 54 -1.49 14.38 14.47
CA LEU A 54 -1.42 15.50 13.53
C LEU A 54 -2.82 15.88 13.04
N SER A 55 -2.85 16.90 12.18
CA SER A 55 -4.11 17.44 11.70
C SER A 55 -4.91 16.40 10.95
N LEU A 56 -6.23 16.42 11.14
CA LEU A 56 -7.12 15.63 10.29
C LEU A 56 -7.32 16.27 8.93
N HIS A 57 -6.75 17.45 8.68
CA HIS A 57 -6.91 18.20 7.44
C HIS A 57 -5.54 18.56 6.87
N PRO A 58 -4.77 17.56 6.42
CA PRO A 58 -3.54 17.88 5.68
C PRO A 58 -3.88 18.66 4.42
N ASN A 59 -2.95 19.50 3.99
CA ASN A 59 -3.11 20.25 2.75
C ASN A 59 -2.88 19.30 1.59
N THR A 60 -3.96 18.88 0.92
CA THR A 60 -3.87 17.90 -0.15
C THR A 60 -4.37 18.37 -1.50
N SER A 61 -5.08 19.51 -1.55
CA SER A 61 -5.79 19.88 -2.78
C SER A 61 -4.85 20.01 -3.96
N LEU A 62 -3.70 20.67 -3.76
CA LEU A 62 -2.82 20.95 -4.88
C LEU A 62 -2.26 19.67 -5.46
N PHE A 63 -1.77 18.76 -4.61
CA PHE A 63 -1.19 17.54 -5.17
C PHE A 63 -2.25 16.56 -5.63
N ASN A 64 -3.44 16.60 -5.05
CA ASN A 64 -4.55 15.80 -5.57
C ASN A 64 -4.87 16.20 -7.00
N THR A 65 -5.01 17.50 -7.23
CA THR A 65 -5.32 17.97 -8.58
C THR A 65 -4.23 17.61 -9.58
N LYS A 66 -2.95 17.78 -9.20
CA LYS A 66 -1.90 17.50 -10.17
C LYS A 66 -1.82 16.01 -10.50
N THR A 67 -2.02 15.15 -9.50
CA THR A 67 -2.00 13.72 -9.77
C THR A 67 -3.18 13.32 -10.65
N LYS A 68 -4.36 13.84 -10.36
CA LYS A 68 -5.53 13.53 -11.17
C LYS A 68 -5.39 14.06 -12.59
N ASN A 69 -4.78 15.25 -12.76
CA ASN A 69 -4.56 15.76 -14.11
C ASN A 69 -3.66 14.81 -14.90
N LEU A 70 -2.62 14.30 -14.24
CA LEU A 70 -1.72 13.38 -14.91
C LEU A 70 -2.42 12.06 -15.23
N ALA A 71 -3.22 11.56 -14.28
CA ALA A 71 -4.00 10.34 -14.51
C ALA A 71 -4.92 10.52 -15.72
N GLN A 72 -5.64 11.64 -15.76
CA GLN A 72 -6.60 11.88 -16.83
C GLN A 72 -5.92 12.02 -18.19
N LYS A 73 -4.70 12.56 -18.21
CA LYS A 73 -3.92 12.62 -19.44
C LYS A 73 -3.83 11.26 -20.12
N TYR A 74 -3.81 10.18 -19.34
CA TYR A 74 -3.70 8.82 -19.87
C TYR A 74 -4.99 8.03 -19.73
N GLY A 75 -6.10 8.72 -19.48
CA GLY A 75 -7.39 8.07 -19.41
C GLY A 75 -7.62 7.28 -18.13
N LEU A 76 -6.88 7.58 -17.08
CA LEU A 76 -6.96 6.84 -15.83
C LEU A 76 -7.66 7.69 -14.77
N ARG A 77 -8.14 7.03 -13.72
CA ARG A 77 -8.88 7.70 -12.67
C ARG A 77 -8.20 7.44 -11.34
N TYR A 78 -7.90 8.50 -10.61
CA TYR A 78 -7.40 8.41 -9.24
C TYR A 78 -8.40 9.08 -8.34
N PRO A 79 -9.15 8.33 -7.54
CA PRO A 79 -10.17 8.96 -6.68
C PRO A 79 -9.54 9.92 -5.68
N SER A 80 -10.19 11.08 -5.50
CA SER A 80 -9.60 12.15 -4.69
C SER A 80 -9.34 11.73 -3.25
N ASP A 81 -10.18 10.86 -2.68
CA ASP A 81 -9.98 10.49 -1.28
C ASP A 81 -8.63 9.83 -1.04
N LEU A 82 -8.07 9.19 -2.07
CA LEU A 82 -6.77 8.54 -1.91
C LEU A 82 -5.67 9.55 -1.62
N SER A 83 -5.80 10.78 -2.12
CA SER A 83 -4.78 11.77 -1.84
C SER A 83 -4.70 12.11 -0.36
N ASN A 84 -5.80 11.94 0.37
CA ASN A 84 -5.77 12.18 1.82
C ASN A 84 -4.82 11.21 2.51
N LEU A 85 -4.76 9.97 2.02
CA LEU A 85 -3.83 9.02 2.62
C LEU A 85 -2.40 9.52 2.50
N THR A 86 -2.02 9.96 1.30
CA THR A 86 -0.70 10.53 1.10
C THR A 86 -0.41 11.65 2.10
N GLY A 87 -1.37 12.57 2.28
CA GLY A 87 -1.16 13.65 3.24
C GLY A 87 -1.00 13.17 4.66
N TYR A 88 -1.69 12.10 5.03
CA TYR A 88 -1.63 11.61 6.41
C TYR A 88 -0.32 10.89 6.69
N VAL A 89 0.23 10.18 5.70
CA VAL A 89 1.38 9.32 5.95
C VAL A 89 2.73 9.99 5.73
N TYR A 90 2.80 11.06 4.91
CA TYR A 90 4.05 11.78 4.69
C TYR A 90 3.96 13.25 5.13
N PRO A 91 3.53 13.53 6.37
CA PRO A 91 3.31 14.93 6.73
C PRO A 91 4.58 15.74 6.81
N TYR A 92 5.74 15.10 6.87
CA TYR A 92 7.04 15.76 6.98
C TYR A 92 7.68 16.04 5.63
N LEU A 93 7.03 15.68 4.53
CA LEU A 93 7.62 15.85 3.21
C LEU A 93 7.35 17.24 2.64
N SER A 94 8.26 17.69 1.77
CA SER A 94 8.09 18.92 1.03
C SER A 94 6.93 18.80 0.04
N PRO A 95 6.39 19.92 -0.44
CA PRO A 95 5.30 19.83 -1.42
C PRO A 95 5.65 19.04 -2.66
N SER A 96 6.86 19.22 -3.23
CA SER A 96 7.18 18.47 -4.44
C SER A 96 7.34 16.99 -4.15
N ALA A 97 7.89 16.64 -2.98
CA ALA A 97 7.98 15.22 -2.62
C ALA A 97 6.61 14.60 -2.38
N LEU A 98 5.69 15.37 -1.77
CA LEU A 98 4.32 14.88 -1.62
C LEU A 98 3.70 14.62 -2.99
N GLN A 99 3.96 15.49 -3.96
CA GLN A 99 3.38 15.34 -5.30
C GLN A 99 3.81 14.02 -5.92
N VAL A 100 5.11 13.74 -5.88
CA VAL A 100 5.61 12.52 -6.48
C VAL A 100 5.14 11.30 -5.70
N SER A 101 5.05 11.42 -4.37
CA SER A 101 4.52 10.32 -3.58
C SER A 101 3.09 10.01 -3.97
N ASN A 102 2.28 11.05 -4.17
CA ASN A 102 0.90 10.80 -4.57
C ASN A 102 0.85 10.16 -5.94
N ASN A 103 1.75 10.59 -6.83
CA ASN A 103 1.81 9.97 -8.16
C ASN A 103 2.15 8.48 -8.06
N TRP A 104 3.08 8.12 -7.15
CA TRP A 104 3.41 6.70 -6.98
C TRP A 104 2.22 5.94 -6.41
N HIS A 105 1.55 6.51 -5.41
CA HIS A 105 0.35 5.86 -4.89
C HIS A 105 -0.69 5.68 -5.99
N ALA A 106 -0.76 6.63 -6.93
CA ALA A 106 -1.70 6.49 -8.03
C ALA A 106 -1.33 5.32 -8.93
N PHE A 107 -0.04 5.18 -9.25
CA PHE A 107 0.42 4.00 -10.00
C PHE A 107 -0.04 2.70 -9.33
N LEU A 108 0.17 2.59 -8.01
CA LEU A 108 -0.24 1.37 -7.32
C LEU A 108 -1.75 1.17 -7.40
N TRP A 109 -2.52 2.26 -7.27
CA TRP A 109 -3.97 2.15 -7.36
C TRP A 109 -4.39 1.66 -8.74
N PHE A 110 -3.83 2.24 -9.80
CA PHE A 110 -4.23 1.84 -11.15
C PHE A 110 -3.95 0.37 -11.38
N LEU A 111 -2.78 -0.09 -10.92
CA LEU A 111 -2.40 -1.49 -11.15
C LEU A 111 -3.27 -2.41 -10.33
N ASP A 112 -3.48 -2.09 -9.05
CA ASP A 112 -4.36 -2.91 -8.23
C ASP A 112 -5.76 -2.96 -8.83
N ASP A 113 -6.26 -1.80 -9.29
CA ASP A 113 -7.58 -1.76 -9.90
C ASP A 113 -7.70 -2.77 -11.02
N LYS A 114 -6.67 -2.87 -11.87
CA LYS A 114 -6.71 -3.79 -13.01
C LYS A 114 -6.53 -5.24 -12.59
N ILE A 115 -5.54 -5.52 -11.75
CA ILE A 115 -5.22 -6.90 -11.42
C ILE A 115 -6.30 -7.52 -10.54
N ASP A 116 -6.89 -6.75 -9.64
CA ASP A 116 -7.93 -7.25 -8.75
C ASP A 116 -9.30 -7.29 -9.41
N ASP A 117 -9.40 -6.84 -10.64
CA ASP A 117 -10.67 -6.74 -11.33
C ASP A 117 -11.11 -8.13 -11.78
N PRO A 118 -12.20 -8.66 -11.20
CA PRO A 118 -12.63 -10.02 -11.59
C PRO A 118 -13.09 -10.13 -13.01
N ASP A 119 -13.45 -9.02 -13.65
CA ASP A 119 -13.93 -9.03 -15.02
C ASP A 119 -12.85 -8.67 -16.02
N CYS A 120 -11.59 -8.52 -15.57
CA CYS A 120 -10.49 -8.31 -16.51
C CYS A 120 -9.95 -9.66 -16.96
N PRO A 121 -9.89 -9.93 -18.26
CA PRO A 121 -9.44 -11.25 -18.71
C PRO A 121 -8.05 -11.59 -18.19
N LYS A 122 -7.87 -12.86 -17.82
CA LYS A 122 -6.63 -13.28 -17.17
C LYS A 122 -5.42 -13.03 -18.07
N VAL A 123 -5.56 -13.27 -19.38
CA VAL A 123 -4.43 -13.03 -20.28
C VAL A 123 -4.06 -11.55 -20.32
N GLU A 124 -5.05 -10.67 -20.19
CA GLU A 124 -4.76 -9.23 -20.15
C GLU A 124 -3.99 -8.87 -18.88
N LYS A 125 -4.31 -9.51 -17.75
CA LYS A 125 -3.55 -9.26 -16.53
C LYS A 125 -2.12 -9.69 -16.69
N GLU A 126 -1.90 -10.89 -17.24
CA GLU A 126 -0.54 -11.37 -17.42
C GLU A 126 0.23 -10.48 -18.38
N ILE A 127 -0.44 -9.95 -19.42
CA ILE A 127 0.22 -9.06 -20.36
C ILE A 127 0.66 -7.78 -19.67
N ILE A 128 -0.23 -7.16 -18.89
CA ILE A 128 0.13 -5.89 -18.25
C ILE A 128 1.24 -6.09 -17.22
N LEU A 129 1.18 -7.18 -16.45
CA LEU A 129 2.19 -7.41 -15.43
C LEU A 129 3.57 -7.63 -16.06
N ASN A 130 3.63 -8.44 -17.12
CA ASN A 130 4.92 -8.65 -17.76
C ASN A 130 5.40 -7.39 -18.49
N HIS A 131 4.47 -6.61 -19.06
CA HIS A 131 4.86 -5.36 -19.69
C HIS A 131 5.45 -4.38 -18.68
N ILE A 132 4.84 -4.27 -17.50
CA ILE A 132 5.39 -3.35 -16.51
C ILE A 132 6.80 -3.77 -16.12
N ILE A 133 7.03 -5.06 -15.92
CA ILE A 133 8.38 -5.53 -15.61
C ILE A 133 9.34 -5.17 -16.73
N GLU A 134 8.94 -5.42 -17.98
CA GLU A 134 9.77 -5.09 -19.13
C GLU A 134 10.09 -3.60 -19.18
N TYR A 135 9.08 -2.76 -18.97
CA TYR A 135 9.28 -1.32 -19.01
C TYR A 135 10.22 -0.87 -17.90
N LEU A 136 10.03 -1.39 -16.69
CA LEU A 136 10.84 -1.02 -15.54
C LEU A 136 12.26 -1.59 -15.62
N SER A 137 12.51 -2.50 -16.56
CA SER A 137 13.81 -3.10 -16.78
C SER A 137 14.52 -2.47 -17.97
N ASN A 138 13.98 -1.39 -18.52
CA ASN A 138 14.55 -0.70 -19.69
C ASN A 138 14.59 -1.60 -20.93
N LYS A 139 13.58 -2.44 -21.09
CA LYS A 139 13.56 -3.35 -22.22
C LYS A 139 12.56 -2.97 -23.29
N CYS A 140 11.60 -2.09 -23.01
CA CYS A 140 10.60 -1.72 -23.99
C CYS A 140 10.03 -0.36 -23.65
N LYS A 141 9.38 0.25 -24.63
CA LYS A 141 8.77 1.55 -24.42
C LYS A 141 7.47 1.37 -23.62
N ALA A 142 7.04 2.45 -22.98
CA ALA A 142 5.74 2.46 -22.34
C ALA A 142 4.67 2.44 -23.43
N SER A 143 3.82 1.42 -23.41
CA SER A 143 2.81 1.26 -24.45
C SER A 143 1.43 0.98 -23.89
N HIS A 144 1.25 1.07 -22.58
CA HIS A 144 -0.05 0.97 -21.93
C HIS A 144 -0.22 2.21 -21.06
N PRO A 145 -1.45 2.62 -20.81
CA PRO A 145 -1.67 3.84 -20.00
C PRO A 145 -0.91 3.87 -18.67
N ILE A 146 -0.81 2.74 -17.96
CA ILE A 146 -0.14 2.75 -16.66
C ILE A 146 1.35 3.07 -16.81
N THR A 147 2.02 2.49 -17.81
CA THR A 147 3.43 2.79 -17.97
C THR A 147 3.65 4.14 -18.65
N GLN A 148 2.71 4.61 -19.47
CA GLN A 148 2.83 5.97 -19.99
C GLN A 148 2.72 7.00 -18.88
N PHE A 149 1.87 6.73 -17.89
CA PHE A 149 1.80 7.55 -16.69
C PHE A 149 3.16 7.60 -15.99
N LEU A 150 3.77 6.43 -15.76
CA LEU A 150 5.07 6.39 -15.10
C LEU A 150 6.14 7.09 -15.92
N ASP A 151 6.01 7.08 -17.26
CA ASP A 151 7.05 7.61 -18.13
C ASP A 151 6.94 9.11 -18.32
N ASP A 152 5.87 9.72 -17.85
CA ASP A 152 5.67 11.14 -18.08
C ASP A 152 6.65 11.97 -17.25
N GLU A 153 7.10 13.10 -17.82
CA GLU A 153 7.99 14.00 -17.10
C GLU A 153 7.42 14.44 -15.76
N GLU A 154 6.09 14.55 -15.66
CA GLU A 154 5.46 14.97 -14.42
C GLU A 154 5.38 13.88 -13.37
N MET A 155 5.73 12.64 -13.70
CA MET A 155 5.67 11.56 -12.70
C MET A 155 6.61 11.82 -11.53
N TRP A 156 7.89 12.05 -11.82
CA TRP A 156 8.91 12.17 -10.79
C TRP A 156 9.44 13.58 -10.61
N LEU A 157 9.06 14.52 -11.47
CA LEU A 157 9.47 15.93 -11.35
C LEU A 157 10.99 15.98 -11.22
N GLN A 158 11.54 16.73 -10.28
CA GLN A 158 12.98 16.86 -10.13
C GLN A 158 13.62 15.66 -9.45
N TYR A 159 12.83 14.62 -9.14
CA TYR A 159 13.34 13.42 -8.48
C TYR A 159 13.52 12.27 -9.47
N LYS A 160 13.50 12.54 -10.77
CA LYS A 160 13.61 11.45 -11.74
C LYS A 160 14.92 10.68 -11.60
N GLU A 161 16.00 11.31 -11.16
CA GLU A 161 17.27 10.62 -10.99
C GLU A 161 17.58 10.31 -9.53
N SER A 162 16.58 10.42 -8.65
CA SER A 162 16.77 10.17 -7.23
C SER A 162 16.95 8.67 -6.95
N LYS A 163 17.63 8.37 -5.84
CA LYS A 163 17.72 6.99 -5.42
C LYS A 163 16.33 6.41 -5.20
N CYS A 164 15.42 7.23 -4.69
CA CYS A 164 14.04 6.81 -4.47
C CYS A 164 13.41 6.25 -5.75
N ARG A 165 13.54 6.96 -6.86
CA ARG A 165 12.89 6.50 -8.09
C ARG A 165 13.35 5.10 -8.45
N PHE A 166 14.65 4.86 -8.42
CA PHE A 166 15.15 3.55 -8.82
C PHE A 166 14.72 2.47 -7.85
N GLU A 167 14.65 2.81 -6.56
CA GLU A 167 14.28 1.81 -5.57
C GLU A 167 12.79 1.49 -5.63
N CYS A 168 11.96 2.51 -5.81
CA CYS A 168 10.53 2.26 -6.01
C CYS A 168 10.31 1.30 -7.17
N GLU A 169 11.03 1.50 -8.25
CA GLU A 169 10.84 0.67 -9.44
C GLU A 169 11.40 -0.74 -9.23
N ARG A 170 12.55 -0.85 -8.56
CA ARG A 170 13.09 -2.16 -8.20
C ARG A 170 12.09 -2.94 -7.34
N GLN A 171 11.53 -2.27 -6.32
CA GLN A 171 10.55 -2.91 -5.45
C GLN A 171 9.26 -3.23 -6.19
N ALA A 172 8.87 -2.43 -7.19
CA ALA A 172 7.66 -2.74 -7.93
C ALA A 172 7.84 -3.99 -8.77
N ILE A 173 9.04 -4.22 -9.30
CA ILE A 173 9.30 -5.48 -10.00
C ILE A 173 9.12 -6.66 -9.06
N LEU A 174 9.64 -6.55 -7.82
CA LEU A 174 9.46 -7.63 -6.85
C LEU A 174 7.99 -7.78 -6.46
N MET A 175 7.25 -6.66 -6.36
CA MET A 175 5.84 -6.77 -6.01
C MET A 175 5.10 -7.58 -7.05
N ILE A 176 5.48 -7.44 -8.32
CA ILE A 176 4.82 -8.19 -9.39
C ILE A 176 5.31 -9.64 -9.42
N GLN A 177 6.63 -9.83 -9.35
CA GLN A 177 7.20 -11.16 -9.51
C GLN A 177 6.88 -12.07 -8.33
N LYS A 178 6.94 -11.53 -7.10
CA LYS A 178 6.79 -12.32 -5.89
C LYS A 178 5.45 -12.09 -5.20
N GLY A 179 4.64 -11.16 -5.67
CA GLY A 179 3.34 -10.90 -5.08
C GLY A 179 2.21 -11.16 -6.04
N MET A 180 2.13 -10.37 -7.11
CA MET A 180 0.93 -10.42 -7.95
C MET A 180 0.89 -11.65 -8.84
N ILE A 181 2.01 -11.99 -9.48
CA ILE A 181 2.02 -13.18 -10.34
C ILE A 181 1.71 -14.44 -9.55
N PRO A 182 2.35 -14.73 -8.41
CA PRO A 182 1.97 -15.92 -7.63
C PRO A 182 0.52 -15.90 -7.19
N LYS A 183 -0.02 -14.72 -6.88
CA LYS A 183 -1.36 -14.64 -6.31
C LYS A 183 -2.42 -15.01 -7.33
N TRP A 184 -2.29 -14.52 -8.57
CA TRP A 184 -3.30 -14.77 -9.59
C TRP A 184 -3.24 -16.18 -10.16
N ASP A 185 -2.36 -17.03 -9.61
CA ASP A 185 -2.30 -18.45 -9.98
C ASP A 185 -2.60 -19.38 -8.81
N LYS A 186 -3.00 -18.84 -7.66
CA LYS A 186 -3.06 -19.62 -6.42
C LYS A 186 -4.46 -19.59 -5.84
N GLU A 187 -4.92 -20.75 -5.34
CA GLU A 187 -6.24 -20.86 -4.73
C GLU A 187 -6.21 -21.11 -3.23
N ASP A 188 -5.27 -21.91 -2.73
CA ASP A 188 -5.20 -22.25 -1.32
C ASP A 188 -4.05 -21.52 -0.64
N TYR A 189 -4.30 -21.01 0.56
CA TYR A 189 -3.28 -20.31 1.32
C TYR A 189 -3.26 -20.81 2.75
N THR A 190 -2.06 -21.15 3.22
CA THR A 190 -1.84 -21.13 4.66
C THR A 190 -1.64 -19.67 5.10
N VAL A 191 -1.68 -19.46 6.42
CA VAL A 191 -1.41 -18.10 6.91
C VAL A 191 -0.02 -17.66 6.49
N HIS A 192 0.96 -18.54 6.61
CA HIS A 192 2.32 -18.17 6.27
C HIS A 192 2.48 -17.87 4.79
N GLU A 193 1.83 -18.65 3.92
CA GLU A 193 1.91 -18.36 2.48
C GLU A 193 1.28 -17.02 2.16
N TYR A 194 0.14 -16.72 2.78
CA TYR A 194 -0.48 -15.41 2.59
C TYR A 194 0.44 -14.31 3.04
N GLU A 195 1.09 -14.47 4.21
CA GLU A 195 1.98 -13.44 4.71
C GLU A 195 3.10 -13.14 3.72
N LYS A 196 3.67 -14.18 3.10
CA LYS A 196 4.75 -13.96 2.14
C LYS A 196 4.24 -13.25 0.89
N ILE A 197 3.12 -13.71 0.34
CA ILE A 197 2.63 -13.10 -0.90
C ILE A 197 2.14 -11.69 -0.64
N ARG A 198 1.46 -11.48 0.49
CA ARG A 198 0.92 -10.16 0.79
C ARG A 198 2.04 -9.14 1.06
N PHE A 199 3.15 -9.57 1.63
CA PHE A 199 4.29 -8.69 1.82
C PHE A 199 4.68 -8.00 0.51
N TYR A 200 4.69 -8.75 -0.59
CA TYR A 200 5.00 -8.21 -1.91
C TYR A 200 3.78 -7.57 -2.57
N ASP A 201 2.66 -8.28 -2.58
CA ASP A 201 1.47 -7.84 -3.30
C ASP A 201 0.94 -6.51 -2.76
N SER A 202 1.14 -6.25 -1.47
CA SER A 202 0.65 -5.01 -0.86
C SER A 202 1.29 -3.77 -1.44
N GLY A 203 2.50 -3.88 -2.00
CA GLY A 203 3.22 -2.73 -2.45
C GLY A 203 3.83 -1.89 -1.35
N CYS A 204 3.76 -2.31 -0.09
CA CYS A 204 4.31 -1.47 0.97
C CYS A 204 5.81 -1.28 0.79
N GLU A 205 6.52 -2.29 0.28
CA GLU A 205 7.95 -2.13 0.12
C GLU A 205 8.28 -1.10 -0.95
N THR A 206 7.31 -0.79 -1.81
CA THR A 206 7.54 0.25 -2.82
C THR A 206 7.31 1.65 -2.30
N VAL A 207 6.65 1.82 -1.14
CA VAL A 207 6.39 3.17 -0.63
C VAL A 207 7.45 3.64 0.36
N TRP A 208 8.14 2.73 1.05
CA TRP A 208 9.15 3.18 2.01
C TRP A 208 10.17 4.14 1.41
N PRO A 209 10.62 3.99 0.15
CA PRO A 209 11.61 4.95 -0.35
C PRO A 209 11.07 6.37 -0.45
N LEU A 210 9.75 6.54 -0.65
CA LEU A 210 9.17 7.87 -0.72
C LEU A 210 9.42 8.66 0.56
N MET A 211 9.48 7.97 1.70
CA MET A 211 9.72 8.65 2.98
C MET A 211 11.05 9.37 3.02
N PHE A 212 11.98 9.05 2.12
CA PHE A 212 13.30 9.65 2.12
C PHE A 212 13.55 10.56 0.93
N LEU A 213 12.47 10.96 0.22
CA LEU A 213 12.61 11.82 -0.95
C LEU A 213 13.35 13.12 -0.66
N ASP A 214 13.13 13.72 0.51
CA ASP A 214 13.80 14.97 0.82
C ASP A 214 15.22 14.77 1.32
N ASP A 215 15.66 13.52 1.50
CA ASP A 215 17.00 13.23 1.97
C ASP A 215 17.92 12.68 0.89
N GLY A 216 17.35 12.16 -0.20
CA GLY A 216 18.18 11.61 -1.27
C GLY A 216 18.81 10.27 -0.97
N ILE A 217 18.37 9.56 0.08
CA ILE A 217 18.94 8.28 0.47
C ILE A 217 17.83 7.23 0.49
N LEU A 218 18.20 5.99 0.73
CA LEU A 218 17.25 4.90 0.80
C LEU A 218 16.88 4.58 2.24
N PRO A 219 15.71 3.96 2.47
CA PRO A 219 15.39 3.50 3.82
C PRO A 219 16.31 2.36 4.22
N GLN A 220 16.32 2.09 5.51
CA GLN A 220 17.00 0.93 6.07
C GLN A 220 15.99 -0.21 6.08
N TYR A 221 16.12 -1.13 5.14
CA TYR A 221 15.24 -2.28 5.10
C TYR A 221 15.65 -3.30 6.14
N GLY A 222 14.67 -3.96 6.74
CA GLY A 222 14.92 -4.92 7.79
C GLY A 222 13.69 -5.10 8.65
N VAL A 223 13.88 -5.29 9.96
CA VAL A 223 12.75 -5.63 10.80
C VAL A 223 11.70 -4.53 10.84
N TYR A 224 12.09 -3.26 10.71
CA TYR A 224 11.14 -2.17 10.88
C TYR A 224 10.28 -1.97 9.65
N THR A 225 10.87 -2.10 8.47
CA THR A 225 10.03 -2.11 7.27
C THR A 225 9.14 -3.33 7.23
N LYS A 226 9.61 -4.48 7.72
CA LYS A 226 8.76 -5.65 7.78
C LYS A 226 7.59 -5.44 8.75
N PHE A 227 7.87 -4.92 9.95
CA PHE A 227 6.79 -4.66 10.89
C PHE A 227 5.80 -3.66 10.32
N GLY A 228 6.31 -2.62 9.64
CA GLY A 228 5.41 -1.66 9.03
C GLY A 228 4.52 -2.30 7.98
N ASN A 229 5.11 -3.15 7.14
CA ASN A 229 4.32 -3.88 6.15
C ASN A 229 3.24 -4.70 6.83
N THR A 230 3.60 -5.43 7.89
CA THR A 230 2.62 -6.23 8.62
C THR A 230 1.52 -5.36 9.23
N ILE A 231 1.91 -4.28 9.91
CA ILE A 231 0.90 -3.44 10.57
C ILE A 231 -0.06 -2.84 9.55
N VAL A 232 0.48 -2.33 8.43
CA VAL A 232 -0.39 -1.79 7.38
C VAL A 232 -1.34 -2.86 6.87
N CYS A 233 -0.81 -4.07 6.60
CA CYS A 233 -1.66 -5.12 6.06
C CYS A 233 -2.71 -5.62 7.04
N ARG A 234 -2.38 -5.73 8.32
CA ARG A 234 -3.37 -6.14 9.31
C ARG A 234 -4.49 -5.12 9.40
N VAL A 235 -4.14 -3.83 9.45
CA VAL A 235 -5.15 -2.78 9.50
C VAL A 235 -5.99 -2.81 8.24
N ASN A 236 -5.34 -2.91 7.08
CA ASN A 236 -6.08 -2.90 5.82
C ASN A 236 -7.00 -4.10 5.73
N ASP A 237 -6.52 -5.28 6.13
CA ASP A 237 -7.37 -6.47 6.06
C ASP A 237 -8.52 -6.38 7.05
N LEU A 238 -8.29 -5.80 8.23
CA LEU A 238 -9.38 -5.64 9.20
C LEU A 238 -10.46 -4.72 8.64
N TYR A 239 -10.06 -3.57 8.11
CA TYR A 239 -11.04 -2.63 7.58
C TYR A 239 -11.76 -3.16 6.35
N SER A 240 -11.08 -3.97 5.53
N SER A 240 -11.09 -3.99 5.54
CA SER A 240 -11.67 -4.53 4.31
CA SER A 240 -11.68 -4.52 4.31
C SER A 240 -12.39 -5.84 4.53
C SER A 240 -12.38 -5.86 4.52
N TYR A 241 -12.40 -6.37 5.75
CA TYR A 241 -12.98 -7.68 6.01
C TYR A 241 -14.43 -7.75 5.56
N ALA A 242 -15.24 -6.76 5.96
CA ALA A 242 -16.66 -6.78 5.61
C ALA A 242 -16.86 -6.79 4.10
N LYS A 243 -16.19 -5.86 3.40
CA LYS A 243 -16.28 -5.81 1.95
C LYS A 243 -15.78 -7.10 1.31
N ASP A 244 -14.65 -7.64 1.80
CA ASP A 244 -14.09 -8.85 1.21
C ASP A 244 -15.02 -10.04 1.38
N VAL A 245 -15.42 -10.31 2.61
CA VAL A 245 -16.14 -11.53 2.93
C VAL A 245 -17.59 -11.45 2.51
N TYR A 246 -18.29 -10.39 2.94
CA TYR A 246 -19.74 -10.34 2.74
C TYR A 246 -20.13 -9.80 1.37
N ARG A 247 -19.41 -8.83 0.83
CA ARG A 247 -19.77 -8.22 -0.44
C ARG A 247 -19.07 -8.86 -1.64
N ASP A 248 -17.74 -8.93 -1.64
CA ASP A 248 -17.00 -9.42 -2.80
C ASP A 248 -16.80 -10.93 -2.79
N LYS A 249 -17.07 -11.60 -1.68
CA LYS A 249 -16.84 -13.03 -1.55
C LYS A 249 -15.39 -13.41 -1.86
N SER A 250 -14.46 -12.56 -1.43
CA SER A 250 -13.02 -12.82 -1.57
C SER A 250 -12.49 -13.38 -0.26
N ASN A 251 -11.65 -14.41 -0.37
CA ASN A 251 -11.00 -15.01 0.79
C ASN A 251 -9.64 -14.40 1.08
N TYR A 252 -9.13 -13.54 0.20
CA TYR A 252 -7.76 -13.05 0.28
C TYR A 252 -7.68 -12.00 1.38
N ASN A 253 -7.47 -12.47 2.61
CA ASN A 253 -7.56 -11.61 3.79
C ASN A 253 -7.00 -12.41 4.96
N TYR A 254 -6.10 -11.81 5.75
CA TYR A 254 -5.46 -12.51 6.85
C TYR A 254 -6.48 -13.18 7.76
N PHE A 255 -7.57 -12.48 8.09
CA PHE A 255 -8.52 -12.99 9.06
C PHE A 255 -9.23 -14.23 8.54
N VAL A 256 -9.52 -14.27 7.24
CA VAL A 256 -10.15 -15.44 6.63
C VAL A 256 -9.23 -16.65 6.75
N TYR A 257 -7.97 -16.50 6.30
CA TYR A 257 -7.04 -17.62 6.31
C TYR A 257 -6.69 -18.06 7.73
N TYR A 258 -6.57 -17.10 8.66
CA TYR A 258 -6.29 -17.49 10.04
C TYR A 258 -7.43 -18.30 10.64
N MET A 259 -8.68 -17.87 10.40
CA MET A 259 -9.83 -18.61 10.91
C MET A 259 -9.88 -20.02 10.35
N GLN A 260 -9.65 -20.18 9.04
CA GLN A 260 -9.61 -21.50 8.43
C GLN A 260 -8.52 -22.37 9.06
N GLU A 261 -7.29 -21.85 9.10
CA GLU A 261 -6.15 -22.63 9.56
C GLU A 261 -6.28 -23.03 11.03
N ASN A 262 -6.81 -22.14 11.86
CA ASN A 262 -6.79 -22.35 13.30
C ASN A 262 -8.16 -22.68 13.91
N ASN A 263 -9.19 -22.83 13.07
CA ASN A 263 -10.54 -23.19 13.51
C ASN A 263 -10.98 -22.34 14.70
N CYS A 264 -11.12 -21.05 14.43
CA CYS A 264 -11.50 -20.11 15.48
C CYS A 264 -12.41 -19.05 14.89
N HIS A 265 -13.03 -18.30 15.79
CA HIS A 265 -14.00 -17.29 15.39
C HIS A 265 -13.31 -15.94 15.19
N LEU A 266 -14.03 -15.03 14.53
CA LEU A 266 -13.47 -13.75 14.15
C LEU A 266 -13.00 -12.95 15.37
N ASP A 267 -13.78 -12.97 16.45
CA ASP A 267 -13.40 -12.21 17.64
C ASP A 267 -12.05 -12.67 18.19
N GLU A 268 -11.78 -13.97 18.13
CA GLU A 268 -10.51 -14.49 18.63
C GLU A 268 -9.34 -14.00 17.79
N VAL A 269 -9.50 -14.05 16.46
CA VAL A 269 -8.40 -13.60 15.59
C VAL A 269 -8.16 -12.12 15.78
N ILE A 270 -9.23 -11.33 15.94
CA ILE A 270 -9.04 -9.90 16.17
C ILE A 270 -8.25 -9.68 17.45
N ASN A 271 -8.53 -10.45 18.49
CA ASN A 271 -7.74 -10.36 19.72
C ASN A 271 -6.28 -10.72 19.48
N ILE A 272 -6.04 -11.80 18.72
CA ILE A 272 -4.68 -12.24 18.46
C ILE A 272 -3.92 -11.21 17.66
N VAL A 273 -4.57 -10.65 16.63
CA VAL A 273 -3.92 -9.63 15.81
C VAL A 273 -3.68 -8.36 16.61
N THR A 274 -4.62 -8.01 17.50
CA THR A 274 -4.43 -6.85 18.35
C THR A 274 -3.17 -7.00 19.18
N GLU A 275 -2.95 -8.19 19.75
CA GLU A 275 -1.75 -8.43 20.54
C GLU A 275 -0.50 -8.34 19.66
N GLU A 276 -0.56 -8.94 18.47
CA GLU A 276 0.59 -8.88 17.58
C GLU A 276 0.91 -7.44 17.20
N VAL A 277 -0.10 -6.68 16.79
CA VAL A 277 0.11 -5.30 16.39
C VAL A 277 0.63 -4.46 17.56
N LYS A 278 0.11 -4.71 18.77
CA LYS A 278 0.57 -3.96 19.94
C LYS A 278 2.07 -4.15 20.13
N ASN A 279 2.53 -5.41 20.08
CA ASN A 279 3.93 -5.71 20.31
C ASN A 279 4.80 -5.12 19.20
N LYS A 280 4.39 -5.32 17.95
CA LYS A 280 5.22 -4.84 16.83
C LYS A 280 5.22 -3.33 16.73
N TRP A 281 4.10 -2.68 17.03
CA TRP A 281 4.06 -1.23 16.98
C TRP A 281 4.91 -0.62 18.10
N HIS A 282 4.91 -1.23 19.29
CA HIS A 282 5.85 -0.76 20.31
C HIS A 282 7.30 -0.90 19.85
N MET A 283 7.63 -1.99 19.17
CA MET A 283 8.99 -2.21 18.73
C MET A 283 9.37 -1.13 17.70
N LEU A 284 8.41 -0.76 16.85
CA LEU A 284 8.62 0.33 15.91
C LEU A 284 8.82 1.66 16.61
N LYS A 285 7.99 1.96 17.62
CA LYS A 285 8.05 3.25 18.31
C LYS A 285 9.25 3.37 19.22
N ASN A 286 9.80 2.24 19.68
CA ASN A 286 10.89 2.28 20.64
C ASN A 286 12.26 2.44 20.01
N ALA A 287 12.37 2.33 18.67
CA ALA A 287 13.64 2.44 17.99
C ALA A 287 13.94 3.92 17.70
N ASN A 288 15.13 4.37 18.07
CA ASN A 288 15.59 5.70 17.68
C ASN A 288 16.27 5.51 16.34
N ASN A 289 15.48 5.52 15.27
CA ASN A 289 15.99 5.17 13.96
C ASN A 289 15.08 5.85 12.96
N ASN A 290 15.65 6.49 11.93
CA ASN A 290 14.84 7.36 11.08
C ASN A 290 13.83 6.57 10.23
N THR A 291 14.22 5.38 9.79
CA THR A 291 13.29 4.54 9.05
C THR A 291 12.12 4.12 9.95
N ALA A 292 12.41 3.65 11.16
CA ALA A 292 11.34 3.23 12.07
C ALA A 292 10.39 4.39 12.36
N GLU A 293 10.95 5.59 12.55
CA GLU A 293 10.13 6.75 12.88
C GLU A 293 9.17 7.11 11.75
N ARG A 294 9.66 7.03 10.51
CA ARG A 294 8.80 7.36 9.38
C ARG A 294 7.84 6.22 9.06
N VAL A 295 8.25 4.97 9.27
CA VAL A 295 7.30 3.87 9.15
C VAL A 295 6.18 4.03 10.18
N ASN A 296 6.53 4.50 11.38
CA ASN A 296 5.51 4.75 12.40
C ASN A 296 4.47 5.75 11.92
N TYR A 297 4.93 6.88 11.36
CA TYR A 297 4.00 7.85 10.79
C TYR A 297 3.14 7.20 9.72
N TRP A 298 3.71 6.28 8.95
CA TRP A 298 2.93 5.72 7.86
C TRP A 298 1.84 4.83 8.45
N CYS A 299 2.18 4.04 9.47
CA CYS A 299 1.20 3.18 10.11
C CYS A 299 0.11 3.99 10.81
N LEU A 300 0.48 5.08 11.46
CA LEU A 300 -0.50 5.92 12.14
C LEU A 300 -1.42 6.60 11.14
N GLY A 301 -0.85 7.16 10.06
CA GLY A 301 -1.68 7.82 9.07
C GLY A 301 -2.57 6.86 8.31
N ASN A 302 -2.09 5.64 8.07
CA ASN A 302 -2.93 4.64 7.41
C ASN A 302 -4.12 4.27 8.28
N LEU A 303 -3.92 4.22 9.60
CA LEU A 303 -5.03 3.88 10.49
C LEU A 303 -6.07 4.99 10.52
N VAL A 304 -5.64 6.25 10.62
CA VAL A 304 -6.62 7.34 10.63
C VAL A 304 -7.37 7.40 9.30
N TRP A 305 -6.67 7.18 8.19
CA TRP A 305 -7.34 7.25 6.89
C TRP A 305 -8.41 6.18 6.77
N HIS A 306 -8.12 4.95 7.23
CA HIS A 306 -9.10 3.89 7.15
C HIS A 306 -10.28 4.16 8.07
N HIS A 307 -10.01 4.70 9.25
CA HIS A 307 -11.09 5.05 10.17
C HIS A 307 -12.05 6.06 9.53
N ALA A 308 -11.51 7.00 8.75
CA ALA A 308 -12.30 8.08 8.18
C ALA A 308 -13.00 7.69 6.89
N SER A 309 -12.60 6.58 6.26
CA SER A 309 -13.00 6.30 4.90
C SER A 309 -14.40 5.70 4.82
N GLU A 310 -15.18 6.18 3.85
CA GLU A 310 -16.46 5.56 3.54
C GLU A 310 -16.29 4.24 2.78
N ARG A 311 -15.08 3.92 2.34
CA ARG A 311 -14.87 2.72 1.54
C ARG A 311 -15.09 1.43 2.31
N TYR A 312 -15.02 1.48 3.64
CA TYR A 312 -14.99 0.26 4.44
C TYR A 312 -16.17 0.13 5.41
S SO4 B . -13.50 11.76 -7.39
O1 SO4 B . -14.16 11.55 -8.68
O2 SO4 B . -12.10 12.09 -7.56
O3 SO4 B . -14.17 12.84 -6.66
O4 SO4 B . -13.60 10.53 -6.61
S SO4 C . -13.95 4.66 -6.97
O1 SO4 C . -15.33 4.18 -6.97
O2 SO4 C . -13.51 4.85 -8.35
O3 SO4 C . -13.08 3.70 -6.28
O4 SO4 C . -13.90 5.94 -6.27
S SO4 D . 20.39 1.14 13.73
O1 SO4 D . 19.91 0.43 12.56
O2 SO4 D . 21.42 2.09 13.31
O3 SO4 D . 19.31 1.87 14.38
O4 SO4 D . 20.98 0.16 14.66
#